data_3LQB
#
_entry.id   3LQB
#
_cell.length_a   32.970
_cell.length_b   62.680
_cell.length_c   87.340
_cell.angle_alpha   90.00
_cell.angle_beta   90.00
_cell.angle_gamma   90.00
#
_symmetry.space_group_name_H-M   'P 21 21 21'
#
loop_
_entity.id
_entity.type
_entity.pdbx_description
1 polymer 'LOC792177 protein'
2 non-polymer 'SULFATE ION'
3 non-polymer 'ZINC ION'
4 non-polymer 1,2-ETHANEDIOL
5 water water
#
_entity_poly.entity_id   1
_entity_poly.type   'polypeptide(L)'
_entity_poly.pdbx_seq_one_letter_code
;NALICEDKSCFWKKNANNIVEVPYVVSGEFSINDKSVIANAISIFHAQTCIRFVPRSIQADYLSIENKDGCYSAIGRTGG
KQVVSLNRKGCVYSGIAQHELNHALGFYHEQSRSDRDQYVRINWNNISPGMAYNFLKQKTNNQNTPYDYGSLMHYGKTAF
AIQPGLETITPIPDENVQIGQRQGLSKIDILRINKLYGC
;
_entity_poly.pdbx_strand_id   A
#
loop_
_chem_comp.id
_chem_comp.type
_chem_comp.name
_chem_comp.formula
EDO non-polymer 1,2-ETHANEDIOL 'C2 H6 O2'
SO4 non-polymer 'SULFATE ION' 'O4 S -2'
ZN non-polymer 'ZINC ION' 'Zn 2'
#
# COMPACT_ATOMS: atom_id res chain seq x y z
N ALA A 2 -4.59 7.45 6.22
CA ALA A 2 -4.89 7.95 4.85
C ALA A 2 -4.19 9.26 4.62
N LEU A 3 -3.93 9.57 3.36
CA LEU A 3 -3.51 10.90 2.92
C LEU A 3 -4.53 11.92 3.39
N ILE A 4 -4.05 13.12 3.73
CA ILE A 4 -4.90 14.26 4.02
C ILE A 4 -4.99 15.11 2.73
N CYS A 5 -6.23 15.40 2.37
N CYS A 5 -6.21 15.30 2.24
CA CYS A 5 -6.58 16.12 1.16
CA CYS A 5 -6.49 16.26 1.17
C CYS A 5 -8.02 16.57 1.33
C CYS A 5 -7.96 16.61 1.28
N GLU A 6 -8.22 17.71 1.99
CA GLU A 6 -9.60 18.15 2.35
C GLU A 6 -10.59 18.07 1.21
N ASP A 7 -10.20 18.52 0.01
CA ASP A 7 -11.16 18.50 -1.11
C ASP A 7 -11.39 17.18 -1.79
N LYS A 8 -10.64 16.16 -1.38
CA LYS A 8 -10.80 14.79 -1.94
C LYS A 8 -10.30 14.60 -3.40
N SER A 9 -9.59 15.60 -3.91
CA SER A 9 -8.96 15.56 -5.24
C SER A 9 -7.81 14.51 -5.38
N CYS A 10 -7.25 14.10 -4.24
N CYS A 10 -7.25 14.10 -4.24
CA CYS A 10 -6.18 13.08 -4.17
CA CYS A 10 -6.18 13.12 -4.20
C CYS A 10 -6.69 11.65 -4.23
C CYS A 10 -6.68 11.67 -4.13
N PHE A 11 -7.99 11.49 -4.24
CA PHE A 11 -8.62 10.19 -4.24
C PHE A 11 -9.34 9.93 -5.56
N TRP A 12 -9.62 8.65 -5.79
CA TRP A 12 -10.30 8.20 -7.00
C TRP A 12 -11.80 8.52 -6.90
N LYS A 13 -12.38 9.02 -7.98
CA LYS A 13 -13.78 9.40 -8.00
C LYS A 13 -14.69 8.16 -7.97
N LYS A 14 -15.88 8.36 -7.42
CA LYS A 14 -16.88 7.32 -7.34
C LYS A 14 -18.06 7.65 -8.25
N ASN A 15 -18.50 6.64 -9.00
CA ASN A 15 -19.55 6.82 -10.00
C ASN A 15 -20.94 6.69 -9.41
N ALA A 16 -21.94 6.88 -10.28
CA ALA A 16 -23.34 6.88 -9.86
C ALA A 16 -23.86 5.51 -9.49
N ASN A 17 -23.05 4.48 -9.74
CA ASN A 17 -23.34 3.12 -9.29
C ASN A 17 -22.68 2.84 -7.94
N ASN A 18 -22.07 3.86 -7.32
CA ASN A 18 -21.37 3.69 -6.06
C ASN A 18 -20.17 2.76 -6.17
N ILE A 19 -19.46 2.90 -7.30
CA ILE A 19 -18.26 2.12 -7.57
C ILE A 19 -17.12 3.06 -7.87
N VAL A 20 -15.95 2.80 -7.27
CA VAL A 20 -14.74 3.56 -7.54
C VAL A 20 -13.93 2.83 -8.60
N GLU A 21 -13.98 3.31 -9.84
CA GLU A 21 -13.29 2.64 -10.95
C GLU A 21 -11.86 3.15 -11.00
N VAL A 22 -10.90 2.27 -10.77
CA VAL A 22 -9.49 2.64 -10.82
C VAL A 22 -8.92 1.95 -12.06
N PRO A 23 -8.67 2.70 -13.14
CA PRO A 23 -8.26 2.05 -14.35
C PRO A 23 -6.79 1.68 -14.27
N TYR A 24 -6.41 0.62 -14.99
CA TYR A 24 -5.01 0.24 -15.02
C TYR A 24 -4.64 -0.43 -16.33
N VAL A 25 -3.34 -0.38 -16.60
CA VAL A 25 -2.74 -1.14 -17.67
C VAL A 25 -1.60 -1.97 -17.05
N VAL A 26 -1.26 -3.09 -17.70
CA VAL A 26 -0.18 -3.94 -17.28
C VAL A 26 0.79 -4.13 -18.44
N SER A 27 2.07 -3.95 -18.16
CA SER A 27 3.11 -4.09 -19.15
C SER A 27 3.08 -5.48 -19.79
N GLY A 28 3.42 -5.54 -21.06
CA GLY A 28 3.54 -6.82 -21.77
C GLY A 28 4.62 -7.76 -21.23
N GLU A 29 5.54 -7.23 -20.42
CA GLU A 29 6.58 -8.05 -19.78
C GLU A 29 6.02 -9.06 -18.78
N PHE A 30 4.85 -8.78 -18.21
CA PHE A 30 4.29 -9.67 -17.22
C PHE A 30 3.74 -10.92 -17.89
N SER A 31 3.99 -12.07 -17.29
CA SER A 31 3.57 -13.35 -17.80
C SER A 31 2.14 -13.63 -17.42
N ILE A 32 1.63 -14.71 -17.97
CA ILE A 32 0.30 -15.16 -17.65
C ILE A 32 0.17 -15.50 -16.16
N ASN A 33 1.18 -16.12 -15.59
CA ASN A 33 1.17 -16.38 -14.16
C ASN A 33 1.20 -15.09 -13.35
N ASP A 34 2.02 -14.11 -13.76
CA ASP A 34 2.08 -12.85 -13.06
C ASP A 34 0.69 -12.20 -13.06
N LYS A 35 -0.01 -12.27 -14.19
CA LYS A 35 -1.30 -11.64 -14.32
C LYS A 35 -2.32 -12.31 -13.42
N SER A 36 -2.20 -13.63 -13.20
CA SER A 36 -3.04 -14.35 -12.25
CA SER A 36 -3.09 -14.30 -12.27
CA SER A 36 -3.09 -14.28 -12.27
C SER A 36 -2.83 -13.82 -10.83
N VAL A 37 -1.57 -13.57 -10.48
CA VAL A 37 -1.28 -13.02 -9.16
C VAL A 37 -1.90 -11.64 -8.99
N ILE A 38 -1.77 -10.80 -10.01
CA ILE A 38 -2.34 -9.45 -9.97
C ILE A 38 -3.87 -9.54 -9.84
N ALA A 39 -4.50 -10.46 -10.58
CA ALA A 39 -5.94 -10.68 -10.44
C ALA A 39 -6.33 -11.13 -9.05
N ASN A 40 -5.52 -11.99 -8.44
CA ASN A 40 -5.81 -12.42 -7.10
CA ASN A 40 -5.79 -12.45 -7.09
C ASN A 40 -5.80 -11.24 -6.14
N ALA A 41 -4.82 -10.34 -6.29
CA ALA A 41 -4.76 -9.15 -5.45
C ALA A 41 -5.99 -8.28 -5.63
N ILE A 42 -6.33 -8.03 -6.87
CA ILE A 42 -7.51 -7.26 -7.19
C ILE A 42 -8.75 -7.87 -6.59
N SER A 43 -8.85 -9.19 -6.60
N SER A 43 -8.85 -9.18 -6.63
CA SER A 43 -10.05 -9.84 -6.13
CA SER A 43 -10.04 -9.86 -6.12
C SER A 43 -10.34 -9.62 -4.65
C SER A 43 -10.35 -9.55 -4.66
N ILE A 44 -9.31 -9.33 -3.85
CA ILE A 44 -9.50 -9.05 -2.44
C ILE A 44 -10.25 -7.73 -2.29
N PHE A 45 -9.83 -6.71 -3.04
CA PHE A 45 -10.53 -5.45 -3.04
C PHE A 45 -11.96 -5.63 -3.54
N HIS A 46 -12.14 -6.37 -4.62
CA HIS A 46 -13.47 -6.54 -5.19
C HIS A 46 -14.43 -7.24 -4.23
N ALA A 47 -13.92 -8.15 -3.40
CA ALA A 47 -14.76 -8.97 -2.51
C ALA A 47 -15.27 -8.16 -1.33
N GLN A 48 -14.58 -7.10 -0.93
CA GLN A 48 -14.87 -6.48 0.34
C GLN A 48 -14.96 -4.97 0.34
N THR A 49 -14.84 -4.36 -0.84
CA THR A 49 -14.92 -2.91 -0.94
C THR A 49 -15.69 -2.51 -2.20
N CYS A 50 -15.93 -1.21 -2.36
CA CYS A 50 -16.56 -0.67 -3.58
C CYS A 50 -15.52 -0.19 -4.61
N ILE A 51 -14.26 -0.59 -4.43
CA ILE A 51 -13.24 -0.32 -5.42
C ILE A 51 -13.27 -1.36 -6.50
N ARG A 52 -13.24 -0.94 -7.76
CA ARG A 52 -13.08 -1.86 -8.90
C ARG A 52 -11.92 -1.41 -9.74
N PHE A 53 -10.92 -2.27 -9.84
CA PHE A 53 -9.79 -2.06 -10.73
C PHE A 53 -10.26 -2.58 -12.10
N VAL A 54 -10.23 -1.68 -13.08
CA VAL A 54 -10.79 -1.98 -14.40
C VAL A 54 -9.74 -1.74 -15.48
N PRO A 55 -9.73 -2.59 -16.52
CA PRO A 55 -8.78 -2.33 -17.59
C PRO A 55 -8.99 -0.92 -18.20
N ARG A 56 -7.91 -0.13 -18.33
CA ARG A 56 -8.04 1.24 -18.81
C ARG A 56 -8.45 1.28 -20.29
N SER A 57 -9.32 2.23 -20.60
CA SER A 57 -9.76 2.49 -21.97
C SER A 57 -9.31 3.88 -22.35
N ILE A 58 -10.07 4.88 -21.96
CA ILE A 58 -9.79 6.24 -22.34
C ILE A 58 -9.53 7.18 -21.15
N GLN A 59 -9.53 6.63 -19.94
CA GLN A 59 -9.44 7.46 -18.76
C GLN A 59 -8.10 8.17 -18.70
N ALA A 60 -8.12 9.46 -18.36
CA ALA A 60 -6.89 10.21 -18.18
C ALA A 60 -6.04 9.73 -17.00
N ASP A 61 -6.67 9.36 -15.89
CA ASP A 61 -5.98 9.03 -14.65
C ASP A 61 -6.04 7.53 -14.49
N TYR A 62 -4.86 6.89 -14.47
CA TYR A 62 -4.82 5.43 -14.42
C TYR A 62 -3.48 4.97 -13.91
N LEU A 63 -3.48 3.72 -13.47
CA LEU A 63 -2.28 3.06 -13.02
C LEU A 63 -1.61 2.30 -14.15
N SER A 64 -0.29 2.38 -14.21
CA SER A 64 0.50 1.61 -15.14
C SER A 64 1.37 0.67 -14.35
N ILE A 65 1.04 -0.61 -14.42
CA ILE A 65 1.76 -1.65 -13.69
C ILE A 65 2.96 -2.05 -14.56
N GLU A 66 4.15 -1.81 -14.03
CA GLU A 66 5.42 -1.91 -14.77
C GLU A 66 6.45 -2.73 -14.01
N ASN A 67 7.37 -3.30 -14.76
CA ASN A 67 8.48 -4.10 -14.24
C ASN A 67 9.69 -3.18 -14.03
N LYS A 68 9.67 -2.34 -12.99
CA LYS A 68 10.76 -1.41 -12.68
C LYS A 68 11.60 -1.94 -11.51
N ASP A 69 12.37 -1.09 -10.84
CA ASP A 69 13.44 -1.56 -9.92
C ASP A 69 13.09 -2.23 -8.58
N GLY A 70 11.85 -2.18 -8.17
CA GLY A 70 11.41 -2.62 -6.85
C GLY A 70 9.91 -2.70 -6.90
N CYS A 71 9.31 -2.67 -5.72
CA CYS A 71 7.86 -2.72 -5.58
C CYS A 71 7.47 -1.36 -5.01
N TYR A 72 6.68 -0.59 -5.74
CA TYR A 72 6.32 0.75 -5.30
C TYR A 72 5.07 1.28 -6.01
N SER A 73 4.50 2.33 -5.43
CA SER A 73 3.38 3.04 -6.00
C SER A 73 3.38 4.46 -5.47
N ALA A 74 2.75 5.35 -6.22
CA ALA A 74 2.38 6.65 -5.70
C ALA A 74 1.28 6.50 -4.64
N ILE A 75 1.17 7.52 -3.80
CA ILE A 75 0.11 7.58 -2.76
C ILE A 75 -1.06 8.42 -3.27
N GLY A 76 -2.20 7.75 -3.45
CA GLY A 76 -3.39 8.37 -4.00
C GLY A 76 -3.34 8.53 -5.50
N ARG A 77 -4.39 9.17 -6.02
CA ARG A 77 -4.48 9.53 -7.43
C ARG A 77 -3.63 10.77 -7.67
N THR A 78 -2.63 10.66 -8.53
CA THR A 78 -1.70 11.78 -8.70
C THR A 78 -1.92 12.59 -9.99
N GLY A 79 -2.75 12.07 -10.90
CA GLY A 79 -3.08 12.76 -12.14
C GLY A 79 -2.37 12.17 -13.33
N GLY A 80 -3.11 11.81 -14.36
CA GLY A 80 -2.50 11.16 -15.51
C GLY A 80 -2.08 9.72 -15.22
N LYS A 81 -1.15 9.23 -16.02
CA LYS A 81 -0.55 7.93 -15.79
C LYS A 81 0.28 7.97 -14.49
N GLN A 82 0.09 7.00 -13.61
CA GLN A 82 0.95 6.88 -12.44
C GLN A 82 1.44 5.46 -12.38
N VAL A 83 2.68 5.26 -11.95
CA VAL A 83 3.32 3.96 -12.01
C VAL A 83 3.09 3.15 -10.73
N VAL A 84 2.80 1.87 -10.92
CA VAL A 84 2.89 0.87 -9.88
C VAL A 84 3.96 -0.09 -10.36
N SER A 85 5.10 -0.14 -9.67
CA SER A 85 6.15 -1.10 -10.04
C SER A 85 5.98 -2.38 -9.26
N LEU A 86 5.91 -3.51 -9.97
CA LEU A 86 6.01 -4.86 -9.41
C LEU A 86 7.17 -5.54 -10.14
N ASN A 87 8.38 -5.31 -9.65
CA ASN A 87 9.54 -5.91 -10.24
CA ASN A 87 9.59 -5.94 -10.20
C ASN A 87 9.32 -7.43 -10.32
N ARG A 88 9.57 -8.00 -11.49
CA ARG A 88 9.25 -9.37 -11.74
C ARG A 88 10.12 -10.31 -10.94
N LYS A 89 11.30 -9.87 -10.53
CA LYS A 89 12.14 -10.70 -9.70
C LYS A 89 11.65 -10.70 -8.24
N GLY A 90 11.13 -9.59 -7.75
CA GLY A 90 10.96 -9.45 -6.32
C GLY A 90 9.58 -9.21 -5.76
N CYS A 91 8.61 -8.95 -6.62
CA CYS A 91 7.39 -8.33 -6.16
C CYS A 91 6.09 -8.98 -6.56
N VAL A 92 6.11 -10.00 -7.41
CA VAL A 92 4.85 -10.51 -7.96
C VAL A 92 4.27 -11.55 -7.02
N TYR A 93 3.62 -11.04 -5.98
CA TYR A 93 2.95 -11.81 -4.95
C TYR A 93 1.67 -11.07 -4.61
N SER A 94 0.59 -11.79 -4.36
CA SER A 94 -0.70 -11.16 -4.17
C SER A 94 -0.64 -10.11 -3.06
N GLY A 95 -0.04 -10.40 -1.92
CA GLY A 95 -0.01 -9.43 -0.85
C GLY A 95 0.81 -8.20 -1.14
N ILE A 96 1.92 -8.36 -1.87
CA ILE A 96 2.73 -7.21 -2.27
C ILE A 96 1.96 -6.33 -3.26
N ALA A 97 1.29 -6.96 -4.23
CA ALA A 97 0.46 -6.23 -5.18
C ALA A 97 -0.65 -5.48 -4.43
N GLN A 98 -1.31 -6.14 -3.47
CA GLN A 98 -2.35 -5.47 -2.68
C GLN A 98 -1.77 -4.24 -1.97
N HIS A 99 -0.57 -4.38 -1.42
CA HIS A 99 0.08 -3.33 -0.69
C HIS A 99 0.31 -2.13 -1.60
N GLU A 100 0.85 -2.35 -2.81
CA GLU A 100 1.08 -1.23 -3.73
C GLU A 100 -0.22 -0.61 -4.22
N LEU A 101 -1.23 -1.43 -4.52
CA LEU A 101 -2.51 -0.89 -4.96
C LEU A 101 -3.14 -0.05 -3.85
N ASN A 102 -2.96 -0.48 -2.60
CA ASN A 102 -3.52 0.26 -1.47
C ASN A 102 -2.83 1.62 -1.30
N HIS A 103 -1.53 1.71 -1.59
CA HIS A 103 -0.90 3.01 -1.67
C HIS A 103 -1.62 3.88 -2.69
N ALA A 104 -1.88 3.32 -3.88
CA ALA A 104 -2.52 4.08 -4.96
C ALA A 104 -3.89 4.61 -4.55
N LEU A 105 -4.57 3.89 -3.64
CA LEU A 105 -5.87 4.36 -3.13
C LEU A 105 -5.77 5.52 -2.16
N GLY A 106 -4.59 5.76 -1.60
CA GLY A 106 -4.37 6.89 -0.71
C GLY A 106 -3.86 6.54 0.67
N PHE A 107 -3.20 5.39 0.84
CA PHE A 107 -2.73 4.97 2.17
C PHE A 107 -1.22 4.95 2.28
N TYR A 108 -0.73 5.42 3.42
CA TYR A 108 0.68 5.37 3.81
C TYR A 108 0.98 4.09 4.57
N HIS A 109 2.25 3.86 4.81
CA HIS A 109 2.67 2.80 5.71
C HIS A 109 2.13 3.01 7.12
N GLU A 110 1.88 1.89 7.80
CA GLU A 110 1.29 1.92 9.12
C GLU A 110 2.17 2.67 10.12
N GLN A 111 3.47 2.38 10.10
CA GLN A 111 4.36 3.00 11.08
C GLN A 111 4.65 4.48 10.77
N SER A 112 4.11 4.99 9.67
CA SER A 112 4.15 6.44 9.40
C SER A 112 3.05 7.21 10.13
N ARG A 113 2.13 6.50 10.78
CA ARG A 113 1.05 7.17 11.47
C ARG A 113 1.58 8.20 12.46
N SER A 114 0.84 9.30 12.60
CA SER A 114 1.21 10.37 13.50
C SER A 114 1.40 9.88 14.95
N ASP A 115 0.65 8.86 15.36
CA ASP A 115 0.70 8.30 16.72
C ASP A 115 1.60 7.07 16.84
N ARG A 116 2.45 6.84 15.84
CA ARG A 116 3.21 5.61 15.78
C ARG A 116 4.16 5.39 16.96
N ASP A 117 4.61 6.48 17.57
N ASP A 117 4.62 6.47 17.59
CA ASP A 117 5.55 6.41 18.68
CA ASP A 117 5.57 6.35 18.69
C ASP A 117 4.96 5.73 19.93
C ASP A 117 4.97 5.70 19.94
N GLN A 118 3.65 5.59 19.97
CA GLN A 118 3.00 4.87 21.05
C GLN A 118 3.04 3.35 20.84
N TYR A 119 3.42 2.90 19.64
CA TYR A 119 3.30 1.51 19.25
C TYR A 119 4.59 0.86 18.77
N VAL A 120 5.55 1.65 18.28
CA VAL A 120 6.84 1.15 17.85
C VAL A 120 7.93 2.10 18.23
N ARG A 121 9.11 1.52 18.42
CA ARG A 121 10.36 2.25 18.53
C ARG A 121 11.14 2.07 17.26
N ILE A 122 11.68 3.14 16.70
CA ILE A 122 12.53 3.07 15.53
C ILE A 122 13.99 3.05 16.01
N ASN A 123 14.74 2.05 15.56
CA ASN A 123 16.13 1.88 15.96
C ASN A 123 16.99 2.47 14.84
N TRP A 124 17.15 3.79 14.87
CA TRP A 124 17.72 4.55 13.76
C TRP A 124 19.12 4.09 13.43
N ASN A 125 19.87 3.65 14.43
CA ASN A 125 21.23 3.21 14.20
C ASN A 125 21.34 1.91 13.37
N ASN A 126 20.23 1.22 13.20
CA ASN A 126 20.19 -0.03 12.43
C ASN A 126 19.71 0.15 11.01
N ILE A 127 19.39 1.37 10.60
CA ILE A 127 18.84 1.63 9.29
C ILE A 127 20.00 1.91 8.35
N SER A 128 19.94 1.33 7.15
N SER A 128 19.97 1.32 7.17
CA SER A 128 20.91 1.61 6.09
CA SER A 128 21.01 1.55 6.17
C SER A 128 21.09 3.10 5.85
C SER A 128 21.10 3.02 5.76
N PRO A 129 22.33 3.53 5.55
CA PRO A 129 22.50 4.97 5.32
C PRO A 129 21.67 5.51 4.17
N GLY A 130 20.99 6.61 4.41
CA GLY A 130 20.17 7.26 3.43
C GLY A 130 18.77 6.67 3.34
N MET A 131 18.44 5.67 4.16
CA MET A 131 17.12 5.07 4.13
C MET A 131 16.21 5.50 5.26
N ALA A 132 16.68 6.37 6.15
CA ALA A 132 15.89 6.81 7.28
C ALA A 132 14.60 7.51 6.87
N TYR A 133 14.58 8.16 5.71
CA TYR A 133 13.40 8.88 5.27
C TYR A 133 12.19 7.95 5.16
N ASN A 134 12.42 6.65 4.99
CA ASN A 134 11.34 5.71 4.90
C ASN A 134 10.64 5.52 6.24
N PHE A 135 11.24 5.99 7.33
CA PHE A 135 10.74 5.81 8.69
C PHE A 135 10.21 7.09 9.29
N LEU A 136 10.07 8.13 8.46
CA LEU A 136 9.50 9.37 8.90
C LEU A 136 8.02 9.23 9.14
N LYS A 137 7.55 9.83 10.23
CA LYS A 137 6.12 10.06 10.33
C LYS A 137 5.61 10.90 9.19
N GLN A 138 4.39 10.61 8.77
CA GLN A 138 3.79 11.36 7.66
C GLN A 138 2.53 12.04 8.19
N LYS A 139 1.98 12.94 7.38
CA LYS A 139 0.79 13.70 7.79
C LYS A 139 -0.43 12.85 7.57
N THR A 140 -0.79 12.04 8.58
CA THR A 140 -1.86 11.06 8.39
C THR A 140 -3.23 11.43 8.98
N ASN A 141 -4.26 11.09 8.23
CA ASN A 141 -5.61 11.06 8.73
C ASN A 141 -5.83 9.62 9.14
N ASN A 142 -5.94 9.34 10.43
CA ASN A 142 -6.05 7.98 10.92
C ASN A 142 -7.47 7.46 10.94
N GLN A 143 -8.43 8.29 10.51
CA GLN A 143 -9.82 7.90 10.26
C GLN A 143 -10.48 7.30 11.49
N ASN A 144 -10.00 7.69 12.66
CA ASN A 144 -10.52 7.19 13.92
C ASN A 144 -10.38 5.66 14.04
N THR A 145 -9.32 5.11 13.47
CA THR A 145 -9.02 3.68 13.56
C THR A 145 -7.77 3.52 14.40
N PRO A 146 -7.68 2.36 15.08
CA PRO A 146 -6.50 2.08 15.89
C PRO A 146 -5.31 1.71 15.04
N TYR A 147 -4.14 1.86 15.63
CA TYR A 147 -2.91 1.33 15.07
C TYR A 147 -3.05 -0.18 14.90
N ASP A 148 -2.61 -0.69 13.76
CA ASP A 148 -2.75 -2.11 13.42
C ASP A 148 -1.40 -2.69 13.10
N TYR A 149 -0.82 -3.41 14.07
CA TYR A 149 0.44 -4.11 13.84
C TYR A 149 0.33 -5.09 12.68
N GLY A 150 -0.87 -5.65 12.49
CA GLY A 150 -1.15 -6.59 11.41
C GLY A 150 -1.49 -5.97 10.07
N SER A 151 -1.41 -4.65 9.95
CA SER A 151 -1.71 -4.04 8.66
C SER A 151 -0.76 -4.54 7.58
N LEU A 152 -1.31 -4.68 6.37
CA LEU A 152 -0.50 -4.99 5.19
C LEU A 152 0.46 -3.87 4.89
N MET A 153 0.19 -2.68 5.45
CA MET A 153 1.00 -1.50 5.22
C MET A 153 2.14 -1.33 6.24
N HIS A 154 2.28 -2.25 7.19
CA HIS A 154 3.33 -2.15 8.22
C HIS A 154 4.62 -2.78 7.74
N TYR A 155 5.75 -2.09 7.91
CA TYR A 155 7.05 -2.69 7.69
C TYR A 155 7.31 -3.84 8.68
N GLY A 156 8.13 -4.80 8.25
CA GLY A 156 8.68 -5.80 9.16
C GLY A 156 9.81 -5.23 10.02
N LYS A 157 10.23 -6.02 11.00
CA LYS A 157 11.19 -5.60 11.99
C LYS A 157 12.56 -5.24 11.45
N THR A 158 12.91 -5.83 10.30
CA THR A 158 14.25 -5.65 9.73
C THR A 158 14.24 -4.83 8.43
N ALA A 159 13.16 -4.10 8.15
CA ALA A 159 13.08 -3.28 6.95
C ALA A 159 14.29 -2.34 6.87
N PHE A 160 14.93 -2.33 5.72
CA PHE A 160 16.05 -1.42 5.43
C PHE A 160 17.20 -1.58 6.43
N ALA A 161 17.38 -2.77 6.98
CA ALA A 161 18.49 -3.01 7.90
C ALA A 161 19.86 -2.71 7.27
N ILE A 162 20.73 -2.03 8.01
CA ILE A 162 22.06 -1.67 7.55
C ILE A 162 22.95 -2.91 7.31
N GLN A 163 22.74 -3.92 8.15
CA GLN A 163 23.37 -5.20 8.02
C GLN A 163 22.29 -6.24 8.26
N PRO A 164 22.42 -7.40 7.62
CA PRO A 164 21.29 -8.30 7.58
C PRO A 164 20.78 -8.69 8.96
N GLY A 165 19.47 -8.66 9.14
CA GLY A 165 18.89 -9.19 10.36
C GLY A 165 18.80 -8.21 11.52
N LEU A 166 19.42 -7.04 11.40
CA LEU A 166 19.31 -6.04 12.46
C LEU A 166 17.91 -5.45 12.46
N GLU A 167 17.40 -5.17 13.65
CA GLU A 167 16.03 -4.74 13.85
C GLU A 167 15.94 -3.22 13.83
N THR A 168 15.25 -2.70 12.83
CA THR A 168 15.00 -1.28 12.67
C THR A 168 13.69 -0.83 13.35
N ILE A 169 12.77 -1.77 13.62
CA ILE A 169 11.50 -1.41 14.25
C ILE A 169 11.23 -2.41 15.34
N THR A 170 11.00 -1.93 16.56
CA THR A 170 10.63 -2.78 17.71
C THR A 170 9.24 -2.40 18.20
N PRO A 171 8.27 -3.31 18.16
CA PRO A 171 6.97 -3.02 18.74
C PRO A 171 7.12 -2.77 20.25
N ILE A 172 6.33 -1.85 20.78
CA ILE A 172 6.33 -1.53 22.20
C ILE A 172 4.91 -1.43 22.71
N PRO A 173 4.65 -1.87 23.96
CA PRO A 173 5.60 -2.42 24.94
C PRO A 173 5.92 -3.90 24.79
N ASP A 174 5.22 -4.59 23.90
CA ASP A 174 5.40 -6.02 23.67
C ASP A 174 6.20 -6.19 22.36
N GLU A 175 7.49 -6.45 22.49
CA GLU A 175 8.37 -6.57 21.35
C GLU A 175 8.13 -7.83 20.54
N ASN A 176 7.36 -8.77 21.07
CA ASN A 176 7.13 -10.04 20.36
C ASN A 176 5.94 -10.03 19.42
N VAL A 177 5.22 -8.92 19.37
CA VAL A 177 4.15 -8.78 18.38
C VAL A 177 4.78 -8.89 17.00
N GLN A 178 4.06 -9.53 16.09
CA GLN A 178 4.48 -9.66 14.71
C GLN A 178 4.04 -8.49 13.84
N ILE A 179 4.96 -8.02 13.01
CA ILE A 179 4.73 -6.95 12.07
C ILE A 179 5.30 -7.37 10.72
N GLY A 180 4.70 -6.86 9.64
CA GLY A 180 5.26 -7.03 8.31
C GLY A 180 4.61 -8.11 7.46
N GLN A 181 3.43 -8.61 7.84
CA GLN A 181 2.76 -9.63 7.06
C GLN A 181 2.49 -9.14 5.65
N ARG A 182 2.66 -10.03 4.67
CA ARG A 182 2.30 -9.70 3.29
C ARG A 182 1.39 -10.77 2.72
N GLN A 183 0.54 -11.36 3.58
CA GLN A 183 -0.49 -12.27 3.14
C GLN A 183 -1.66 -11.54 2.44
N GLY A 184 -2.14 -10.44 3.03
CA GLY A 184 -3.24 -9.71 2.42
C GLY A 184 -3.73 -8.60 3.30
N LEU A 185 -4.62 -7.78 2.76
CA LEU A 185 -5.19 -6.65 3.49
C LEU A 185 -5.78 -7.10 4.80
N SER A 186 -5.50 -6.38 5.87
CA SER A 186 -6.11 -6.71 7.16
C SER A 186 -7.54 -6.20 7.23
N LYS A 187 -8.25 -6.63 8.27
CA LYS A 187 -9.60 -6.18 8.52
C LYS A 187 -9.64 -4.65 8.66
N ILE A 188 -8.67 -4.08 9.38
CA ILE A 188 -8.60 -2.64 9.54
C ILE A 188 -8.19 -1.94 8.23
N ASP A 189 -7.28 -2.52 7.46
CA ASP A 189 -6.98 -1.96 6.15
C ASP A 189 -8.25 -1.83 5.29
N ILE A 190 -9.08 -2.85 5.29
CA ILE A 190 -10.31 -2.89 4.52
C ILE A 190 -11.32 -1.87 5.05
N LEU A 191 -11.47 -1.81 6.37
CA LEU A 191 -12.35 -0.80 6.97
C LEU A 191 -11.97 0.61 6.52
N ARG A 192 -10.66 0.89 6.54
CA ARG A 192 -10.17 2.20 6.16
C ARG A 192 -10.50 2.53 4.70
N ILE A 193 -10.38 1.58 3.80
CA ILE A 193 -10.77 1.78 2.39
C ILE A 193 -12.25 2.16 2.29
N ASN A 194 -13.07 1.33 2.93
CA ASN A 194 -14.52 1.54 2.87
C ASN A 194 -14.93 2.87 3.47
N LYS A 195 -14.27 3.28 4.53
CA LYS A 195 -14.54 4.57 5.15
C LYS A 195 -14.13 5.71 4.24
N LEU A 196 -12.91 5.63 3.69
CA LEU A 196 -12.41 6.73 2.85
C LEU A 196 -13.29 6.94 1.62
N TYR A 197 -13.75 5.84 1.03
CA TYR A 197 -14.52 5.93 -0.23
C TYR A 197 -16.04 5.85 -0.03
N GLY A 198 -16.49 5.85 1.22
CA GLY A 198 -17.92 5.83 1.50
C GLY A 198 -18.68 4.68 0.86
N CYS A 199 -18.09 3.50 0.91
CA CYS A 199 -18.70 2.39 0.22
C CYS A 199 -20.00 2.00 0.88
S SO4 B . 7.00 -0.73 -0.54
O1 SO4 B . 6.61 -2.10 -1.01
O2 SO4 B . 8.17 -0.20 -1.29
O3 SO4 B . 5.92 0.27 -0.76
O4 SO4 B . 7.10 -0.77 0.93
ZN ZN C . 4.77 0.48 0.77
C1 EDO D . -10.89 10.36 -15.98
O1 EDO D . -9.65 9.80 -15.48
C2 EDO D . -11.20 10.16 -17.44
O2 EDO D . -10.40 10.97 -18.29
C1 EDO E . -9.75 -10.07 5.23
O1 EDO E . -8.59 -9.60 5.94
C2 EDO E . -11.01 -9.47 5.83
O2 EDO E . -10.79 -9.12 7.20
#